data_7K2C
#
_entry.id   7K2C
#
_cell.length_a   162.622
_cell.length_b   68.875
_cell.length_c   77.435
_cell.angle_alpha   90.00
_cell.angle_beta   117.82
_cell.angle_gamma   90.00
#
_symmetry.space_group_name_H-M   'C 1 2 1'
#
loop_
_entity.id
_entity.type
_entity.pdbx_description
1 polymer 'Kelch-like ECH-associated protein 1'
2 polymer 'Nrf2 peptide,ADEETGEAA'
3 non-polymer 'SULFATE ION'
4 water water
#
loop_
_entity_poly.entity_id
_entity_poly.type
_entity_poly.pdbx_seq_one_letter_code
_entity_poly.pdbx_strand_id
1 'polypeptide(L)'
;GRLIYTAGGYFRQSLSYLEAYNPSDGTWLRLADLQVPRSGLAGCVVGGLLYAVGGRNNSPDGNTDSSALDCYNPMTNQWS
PCAPMSVPRNRIGVGVIDGHIYAVGGSHGCIHHNSVERYEPERDEWHLVAPMLTRRIGVGVAVLNRLLYAVGGFDGTNRL
NSAECYYPERNEWRMITAMNTIRSGAGVCVLHNCIYAAGGYDGQDQLNSVERYDVATATWTFVAPMKHRRSALGITVHQG
RIYVLGGYDGHTFLDSVECYDPDTDTWSEVTRMTSGRSGVGVAVTMEPSR
;
A,B
2 'polypeptide(L)' (ACE)ADEETGEAA(NH2) P
#
loop_
_chem_comp.id
_chem_comp.type
_chem_comp.name
_chem_comp.formula
ACE non-polymer 'ACETYL GROUP' 'C2 H4 O'
NH2 non-polymer 'AMINO GROUP' 'H2 N'
SO4 non-polymer 'SULFATE ION' 'O4 S -2'
#
# COMPACT_ATOMS: atom_id res chain seq x y z
N LEU A 3 -4.01 14.38 -11.54
CA LEU A 3 -3.23 14.32 -12.78
C LEU A 3 -1.71 14.37 -12.50
N ILE A 4 -0.91 14.23 -13.55
CA ILE A 4 0.54 14.25 -13.43
C ILE A 4 1.03 15.68 -13.61
N TYR A 5 1.49 16.29 -12.51
CA TYR A 5 2.02 17.64 -12.55
C TYR A 5 3.55 17.61 -12.61
N THR A 6 4.13 18.59 -13.31
CA THR A 6 5.57 18.77 -13.34
C THR A 6 5.89 20.22 -13.05
N ALA A 7 6.68 20.45 -12.00
CA ALA A 7 7.07 21.78 -11.56
C ALA A 7 8.55 22.00 -11.83
N GLY A 8 8.87 23.14 -12.45
CA GLY A 8 10.26 23.53 -12.62
C GLY A 8 10.95 22.86 -13.80
N GLY A 9 12.26 22.71 -13.69
CA GLY A 9 13.07 22.12 -14.73
C GLY A 9 14.09 23.09 -15.29
N TYR A 10 14.75 22.71 -16.35
CA TYR A 10 15.75 23.53 -16.93
C TYR A 10 15.92 23.34 -18.40
N PHE A 11 16.01 24.45 -19.09
CA PHE A 11 16.29 24.52 -20.51
C PHE A 11 16.83 25.92 -20.66
N ARG A 12 18.14 26.06 -20.78
CA ARG A 12 18.88 27.35 -20.81
C ARG A 12 19.01 28.13 -19.48
N GLN A 13 18.01 28.04 -18.61
CA GLN A 13 17.92 28.59 -17.31
C GLN A 13 16.87 27.83 -16.53
N SER A 14 16.81 28.03 -15.23
CA SER A 14 15.82 27.38 -14.43
C SER A 14 14.42 27.91 -14.82
N LEU A 15 13.41 27.09 -14.60
CA LEU A 15 12.07 27.40 -15.08
C LEU A 15 11.09 27.52 -13.93
N SER A 16 10.02 28.27 -14.18
CA SER A 16 8.91 28.40 -13.25
C SER A 16 7.71 27.56 -13.64
N TYR A 17 7.80 26.78 -14.72
CA TYR A 17 6.65 26.13 -15.33
C TYR A 17 5.92 25.21 -14.36
N LEU A 18 4.62 25.04 -14.62
CA LEU A 18 3.78 24.03 -13.99
C LEU A 18 2.81 23.53 -15.05
N GLU A 19 2.89 22.25 -15.37
CA GLU A 19 2.16 21.68 -16.51
C GLU A 19 1.57 20.33 -16.11
N ALA A 20 0.31 20.35 -15.67
CA ALA A 20 -0.39 19.10 -15.39
C ALA A 20 -0.68 18.36 -16.70
N TYR A 21 -0.56 17.04 -16.65
CA TYR A 21 -0.85 16.18 -17.79
C TYR A 21 -1.81 15.09 -17.35
N ASN A 22 -2.63 14.64 -18.29
CA ASN A 22 -3.54 13.52 -18.04
C ASN A 22 -3.53 12.62 -19.27
N PRO A 23 -3.04 11.40 -19.16
CA PRO A 23 -3.08 10.47 -20.30
C PRO A 23 -4.50 10.07 -20.67
N SER A 24 -5.46 10.23 -19.76
CA SER A 24 -6.86 10.02 -20.11
C SER A 24 -7.48 11.28 -20.70
N ASP A 25 -6.82 12.43 -20.55
CA ASP A 25 -7.25 13.64 -21.25
C ASP A 25 -6.56 13.71 -22.61
N GLY A 26 -5.29 13.32 -22.66
CA GLY A 26 -4.58 13.24 -23.93
C GLY A 26 -3.57 14.35 -24.16
N THR A 27 -3.85 15.54 -23.63
CA THR A 27 -2.97 16.69 -23.78
C THR A 27 -2.72 17.34 -22.42
N TRP A 28 -2.03 18.47 -22.44
CA TRP A 28 -1.49 19.11 -21.25
C TRP A 28 -2.39 20.23 -20.75
N LEU A 29 -1.91 20.95 -19.74
CA LEU A 29 -2.63 22.08 -19.16
C LEU A 29 -1.62 22.92 -18.40
N ARG A 30 -1.65 24.24 -18.59
CA ARG A 30 -0.71 25.13 -17.92
C ARG A 30 -1.36 25.78 -16.70
N LEU A 31 -0.60 25.90 -15.62
CA LEU A 31 -1.14 26.35 -14.34
C LEU A 31 -0.22 27.44 -13.79
N ALA A 32 -0.36 27.73 -12.50
CA ALA A 32 0.34 28.86 -11.91
C ALA A 32 1.85 28.64 -11.92
N ASP A 33 2.58 29.68 -12.36
CA ASP A 33 4.04 29.65 -12.34
C ASP A 33 4.56 29.60 -10.91
N LEU A 34 5.68 28.87 -10.74
CA LEU A 34 6.41 28.94 -9.48
C LEU A 34 6.81 30.38 -9.19
N GLN A 35 6.87 30.73 -7.91
CA GLN A 35 7.28 32.09 -7.56
C GLN A 35 8.74 32.32 -7.92
N VAL A 36 9.60 31.38 -7.56
CA VAL A 36 11.03 31.40 -7.87
C VAL A 36 11.32 30.26 -8.83
N PRO A 37 12.03 30.50 -9.94
CA PRO A 37 12.38 29.39 -10.84
C PRO A 37 13.23 28.35 -10.11
N ARG A 38 13.11 27.11 -10.57
CA ARG A 38 13.77 25.98 -9.90
C ARG A 38 14.09 24.88 -10.89
N SER A 39 15.30 24.33 -10.80
CA SER A 39 15.61 23.03 -11.37
C SER A 39 16.37 22.21 -10.34
N GLY A 40 16.41 20.89 -10.56
CA GLY A 40 17.01 20.00 -9.59
C GLY A 40 16.22 19.86 -8.31
N LEU A 41 14.91 20.07 -8.38
CA LEU A 41 14.02 20.00 -7.23
C LEU A 41 13.30 18.65 -7.20
N ALA A 42 12.50 18.45 -6.17
CA ALA A 42 11.69 17.24 -6.06
C ALA A 42 10.24 17.60 -5.76
N GLY A 43 9.32 16.88 -6.39
CA GLY A 43 7.90 17.06 -6.18
C GLY A 43 7.28 15.93 -5.37
N CYS A 44 6.34 16.30 -4.51
CA CYS A 44 5.62 15.32 -3.70
C CYS A 44 4.32 15.96 -3.21
N VAL A 45 3.33 15.11 -2.98
CA VAL A 45 1.98 15.50 -2.61
C VAL A 45 1.69 14.99 -1.21
N VAL A 46 1.20 15.87 -0.34
CA VAL A 46 0.78 15.49 1.01
C VAL A 46 -0.58 16.13 1.28
N GLY A 47 -1.61 15.29 1.41
CA GLY A 47 -2.95 15.78 1.59
C GLY A 47 -3.46 16.53 0.38
N GLY A 48 -3.13 16.01 -0.81
CA GLY A 48 -3.50 16.67 -2.05
C GLY A 48 -2.73 17.96 -2.31
N LEU A 49 -1.88 18.35 -1.36
CA LEU A 49 -1.13 19.59 -1.45
C LEU A 49 0.24 19.33 -2.08
N LEU A 50 0.45 19.84 -3.29
CA LEU A 50 1.64 19.61 -4.09
C LEU A 50 2.79 20.46 -3.56
N TYR A 51 3.82 19.81 -3.02
CA TYR A 51 4.98 20.51 -2.50
C TYR A 51 6.12 20.54 -3.52
N ALA A 52 6.95 21.57 -3.40
CA ALA A 52 8.16 21.73 -4.22
C ALA A 52 9.32 21.97 -3.28
N VAL A 53 10.36 21.13 -3.39
CA VAL A 53 11.41 21.08 -2.38
C VAL A 53 12.76 21.27 -3.05
N GLY A 54 13.60 22.11 -2.44
CA GLY A 54 14.96 22.40 -2.82
C GLY A 54 15.10 22.79 -4.27
N GLY A 55 16.23 22.42 -4.85
CA GLY A 55 16.59 22.82 -6.19
C GLY A 55 17.51 24.02 -6.17
N ARG A 56 17.51 24.75 -7.29
CA ARG A 56 18.28 25.98 -7.40
C ARG A 56 17.76 26.81 -8.56
N ASN A 57 18.07 28.11 -8.52
CA ASN A 57 17.72 29.00 -9.62
C ASN A 57 19.01 29.31 -10.39
N ASN A 58 19.19 28.60 -11.50
CA ASN A 58 20.35 28.78 -12.37
C ASN A 58 19.92 29.70 -13.52
N SER A 59 20.31 30.95 -13.45
CA SER A 59 19.82 32.01 -14.32
C SER A 59 20.99 32.76 -14.92
N PRO A 60 20.73 33.66 -15.89
CA PRO A 60 21.82 34.50 -16.42
C PRO A 60 22.50 35.39 -15.37
N ASP A 61 21.86 35.60 -14.21
CA ASP A 61 22.40 36.48 -13.20
C ASP A 61 22.69 35.80 -11.88
N GLY A 62 22.66 34.48 -11.80
CA GLY A 62 22.94 33.83 -10.54
C GLY A 62 22.78 32.34 -10.64
N ASN A 63 23.03 31.68 -9.49
CA ASN A 63 22.97 30.23 -9.43
C ASN A 63 22.72 29.87 -7.97
N THR A 64 21.56 30.24 -7.46
CA THR A 64 21.29 30.19 -6.04
C THR A 64 20.63 28.87 -5.66
N ASP A 65 21.34 28.07 -4.85
CA ASP A 65 20.78 26.84 -4.29
C ASP A 65 19.61 27.15 -3.35
N SER A 66 18.55 26.36 -3.44
CA SER A 66 17.30 26.70 -2.79
C SER A 66 17.08 25.85 -1.54
N SER A 67 16.98 26.51 -0.39
CA SER A 67 16.53 25.87 0.84
C SER A 67 15.02 25.96 1.01
N ALA A 68 14.30 26.32 -0.04
CA ALA A 68 12.89 26.67 0.09
C ALA A 68 12.00 25.44 0.01
N LEU A 69 10.79 25.59 0.55
CA LEU A 69 9.71 24.62 0.39
C LEU A 69 8.44 25.40 0.10
N ASP A 70 7.71 25.00 -0.94
CA ASP A 70 6.60 25.80 -1.44
C ASP A 70 5.42 24.89 -1.81
N CYS A 71 4.19 25.15 -1.32
CA CYS A 71 2.98 24.34 -1.68
C CYS A 71 2.01 24.93 -2.71
N TYR A 72 1.41 24.11 -3.54
CA TYR A 72 0.44 24.60 -4.52
C TYR A 72 -0.89 23.91 -4.37
N ASN A 73 -1.87 24.57 -3.77
CA ASN A 73 -3.21 24.00 -3.64
C ASN A 73 -3.85 23.97 -5.00
N PRO A 74 -4.19 22.79 -5.51
CA PRO A 74 -4.78 22.71 -6.87
C PRO A 74 -6.21 23.20 -7.06
N MET A 75 -6.89 23.71 -6.04
CA MET A 75 -8.22 24.24 -6.19
C MET A 75 -8.02 25.74 -6.33
N THR A 76 -7.33 26.32 -5.35
CA THR A 76 -7.01 27.74 -5.33
C THR A 76 -6.00 28.22 -6.35
N ASN A 77 -5.25 27.31 -6.94
CA ASN A 77 -4.21 27.63 -7.92
C ASN A 77 -3.26 28.68 -7.44
N GLN A 78 -2.78 28.56 -6.21
CA GLN A 78 -1.86 29.54 -5.70
C GLN A 78 -0.76 28.95 -4.79
N TRP A 79 0.47 29.35 -5.04
CA TRP A 79 1.61 28.86 -4.28
C TRP A 79 1.69 29.49 -2.92
N SER A 80 2.42 28.88 -2.00
CA SER A 80 2.52 29.46 -0.67
C SER A 80 3.79 29.04 -0.02
N PRO A 81 4.53 29.98 0.53
CA PRO A 81 5.83 29.64 1.13
C PRO A 81 5.68 28.97 2.50
N CYS A 82 6.25 27.78 2.63
CA CYS A 82 6.36 27.08 3.90
C CYS A 82 7.80 27.16 4.39
N ALA A 83 8.01 26.75 5.64
CA ALA A 83 9.28 27.00 6.30
C ALA A 83 10.45 26.42 5.51
N PRO A 84 11.64 27.01 5.62
CA PRO A 84 12.79 26.55 4.85
C PRO A 84 13.62 25.51 5.58
N MET A 85 14.29 24.67 4.80
CA MET A 85 15.12 23.61 5.34
C MET A 85 16.37 24.18 5.99
N SER A 86 17.01 23.33 6.77
CA SER A 86 18.26 23.69 7.45
C SER A 86 19.34 24.15 6.48
N VAL A 87 19.33 23.64 5.25
CA VAL A 87 20.37 23.94 4.26
C VAL A 87 19.75 23.92 2.88
N PRO A 88 20.33 24.61 1.89
CA PRO A 88 19.84 24.45 0.51
C PRO A 88 20.20 23.07 -0.01
N ARG A 89 19.35 22.54 -0.88
CA ARG A 89 19.50 21.16 -1.39
C ARG A 89 19.21 21.15 -2.90
N ASN A 90 20.24 21.41 -3.69
CA ASN A 90 20.14 21.21 -5.12
C ASN A 90 20.31 19.73 -5.42
N ARG A 91 19.47 19.22 -6.34
CA ARG A 91 19.50 17.83 -6.77
C ARG A 91 19.15 16.91 -5.61
N ILE A 92 18.03 17.27 -4.99
CA ILE A 92 17.50 16.67 -3.79
C ILE A 92 16.65 15.45 -4.17
N GLY A 93 16.43 14.57 -3.20
CA GLY A 93 15.38 13.57 -3.30
C GLY A 93 14.42 13.74 -2.13
N VAL A 94 13.16 13.33 -2.36
CA VAL A 94 12.15 13.42 -1.31
C VAL A 94 11.27 12.19 -1.34
N GLY A 95 10.81 11.78 -0.15
CA GLY A 95 9.95 10.62 -0.03
C GLY A 95 8.91 10.79 1.06
N VAL A 96 7.65 10.89 0.65
CA VAL A 96 6.55 11.06 1.60
C VAL A 96 6.48 9.90 2.58
N ILE A 97 6.28 10.23 3.86
CA ILE A 97 6.20 9.23 4.91
C ILE A 97 5.17 9.62 5.97
N ASP A 98 3.97 9.08 5.85
CA ASP A 98 2.88 9.35 6.78
C ASP A 98 2.67 10.84 7.00
N GLY A 99 2.60 11.60 5.91
CA GLY A 99 2.40 13.04 5.98
C GLY A 99 3.70 13.80 5.98
N HIS A 100 4.58 13.48 6.94
CA HIS A 100 5.87 14.13 7.05
C HIS A 100 6.70 13.97 5.77
N ILE A 101 7.30 15.08 5.31
CA ILE A 101 8.12 15.05 4.12
C ILE A 101 9.58 14.85 4.46
N TYR A 102 10.26 13.99 3.72
CA TYR A 102 11.66 13.72 3.96
C TYR A 102 12.50 14.35 2.85
N ALA A 103 13.48 15.16 3.24
CA ALA A 103 14.36 15.85 2.31
C ALA A 103 15.73 15.22 2.43
N VAL A 104 16.25 14.73 1.29
CA VAL A 104 17.37 13.79 1.29
C VAL A 104 18.53 14.36 0.48
N GLY A 105 19.68 14.51 1.12
CA GLY A 105 20.92 14.74 0.40
C GLY A 105 20.92 16.08 -0.31
N GLY A 106 21.40 16.07 -1.55
CA GLY A 106 21.47 17.29 -2.33
C GLY A 106 22.75 18.04 -2.07
N SER A 107 22.97 19.09 -2.86
CA SER A 107 24.19 19.86 -2.73
C SER A 107 23.89 21.31 -2.38
N HIS A 108 24.87 21.95 -1.75
CA HIS A 108 24.93 23.40 -1.61
C HIS A 108 26.36 23.78 -1.95
N GLY A 109 26.56 24.30 -3.15
CA GLY A 109 27.91 24.59 -3.59
C GLY A 109 28.74 23.32 -3.68
N CYS A 110 29.90 23.35 -3.03
CA CYS A 110 30.83 22.22 -3.06
C CYS A 110 30.37 21.07 -2.18
N ILE A 111 29.37 21.29 -1.32
CA ILE A 111 29.10 20.41 -0.20
C ILE A 111 28.00 19.42 -0.61
N HIS A 112 28.36 18.15 -0.73
CA HIS A 112 27.37 17.12 -1.03
C HIS A 112 26.84 16.58 0.29
N HIS A 113 25.54 16.71 0.51
CA HIS A 113 24.95 16.39 1.79
C HIS A 113 24.83 14.88 1.98
N ASN A 114 25.09 14.43 3.19
CA ASN A 114 24.48 13.22 3.68
C ASN A 114 23.36 13.53 4.65
N SER A 115 23.17 14.80 4.98
CA SER A 115 22.11 15.24 5.90
C SER A 115 20.74 14.85 5.37
N VAL A 116 19.81 14.65 6.30
CA VAL A 116 18.40 14.39 6.03
C VAL A 116 17.59 15.16 7.07
N GLU A 117 16.45 15.73 6.65
CA GLU A 117 15.58 16.44 7.57
C GLU A 117 14.13 16.25 7.15
N ARG A 118 13.22 16.34 8.12
CA ARG A 118 11.80 16.15 7.85
C ARG A 118 10.97 17.38 8.17
N TYR A 119 9.75 17.41 7.62
CA TYR A 119 8.83 18.52 7.84
C TYR A 119 7.40 18.10 7.48
N GLU A 120 6.48 18.24 8.43
CA GLU A 120 5.09 17.87 8.21
C GLU A 120 4.17 19.08 8.27
N PRO A 121 3.02 19.00 7.58
CA PRO A 121 2.03 20.08 7.54
C PRO A 121 1.25 20.21 8.84
N GLU A 122 1.89 20.75 9.87
CA GLU A 122 1.26 20.93 11.18
C GLU A 122 2.04 21.95 12.00
N ARG A 123 3.30 21.64 12.28
CA ARG A 123 4.16 22.52 13.06
C ARG A 123 5.04 23.35 12.14
N ASP A 124 5.17 22.89 10.90
CA ASP A 124 5.98 23.54 9.86
C ASP A 124 7.34 23.82 10.41
N GLU A 125 8.04 22.77 10.83
CA GLU A 125 9.37 22.91 11.38
C GLU A 125 10.32 21.91 10.73
N TRP A 126 11.61 22.17 10.73
CA TRP A 126 12.50 21.18 10.17
C TRP A 126 13.35 20.68 11.30
N HIS A 127 13.58 19.37 11.34
CA HIS A 127 14.48 18.83 12.33
C HIS A 127 15.37 17.83 11.63
N LEU A 128 16.64 17.90 11.95
CA LEU A 128 17.63 17.02 11.40
C LEU A 128 17.59 15.67 12.07
N VAL A 129 17.68 14.63 11.25
CA VAL A 129 17.68 13.29 11.73
C VAL A 129 19.05 12.72 11.50
N ALA A 130 19.16 11.40 11.51
CA ALA A 130 20.45 10.85 11.27
C ALA A 130 20.79 11.03 9.83
N PRO A 131 22.03 11.33 9.55
CA PRO A 131 22.42 11.48 8.18
C PRO A 131 22.62 10.12 7.58
N MET A 132 22.68 10.08 6.25
CA MET A 132 22.89 8.86 5.49
C MET A 132 24.32 8.39 5.67
N LEU A 133 24.54 7.11 5.36
CA LEU A 133 25.90 6.60 5.35
C LEU A 133 26.72 7.20 4.23
N THR A 134 26.05 7.70 3.20
CA THR A 134 26.68 8.21 1.99
C THR A 134 26.18 9.63 1.72
N ARG A 135 27.10 10.50 1.31
CA ARG A 135 26.71 11.76 0.70
C ARG A 135 26.12 11.47 -0.67
N ARG A 136 24.96 12.05 -0.97
CA ARG A 136 24.24 11.74 -2.20
C ARG A 136 23.56 12.99 -2.73
N ILE A 137 23.93 13.41 -3.94
CA ILE A 137 23.14 14.34 -4.73
C ILE A 137 22.69 13.59 -5.99
N GLY A 138 21.67 14.11 -6.64
CA GLY A 138 21.03 13.30 -7.67
C GLY A 138 20.56 11.96 -7.14
N VAL A 139 20.07 11.95 -5.90
CA VAL A 139 19.64 10.73 -5.23
C VAL A 139 18.17 10.47 -5.54
N GLY A 140 17.84 9.21 -5.81
CA GLY A 140 16.47 8.78 -5.96
C GLY A 140 15.93 8.28 -4.62
N VAL A 141 14.69 8.66 -4.32
CA VAL A 141 14.10 8.39 -3.03
C VAL A 141 12.77 7.67 -3.24
N ALA A 142 12.49 6.69 -2.38
CA ALA A 142 11.26 5.94 -2.47
C ALA A 142 10.86 5.51 -1.07
N VAL A 143 9.61 5.10 -0.93
CA VAL A 143 9.08 4.64 0.34
C VAL A 143 8.36 3.33 0.09
N LEU A 144 8.72 2.31 0.86
CA LEU A 144 8.06 1.01 0.77
C LEU A 144 7.87 0.52 2.19
N ASN A 145 6.64 0.05 2.49
CA ASN A 145 6.29 -0.46 3.81
C ASN A 145 6.72 0.51 4.91
N ARG A 146 6.42 1.79 4.70
CA ARG A 146 6.69 2.86 5.67
C ARG A 146 8.18 2.91 6.03
N LEU A 147 9.04 2.64 5.04
CA LEU A 147 10.47 2.80 5.18
C LEU A 147 11.01 3.64 4.03
N LEU A 148 12.07 4.38 4.30
CA LEU A 148 12.62 5.34 3.34
C LEU A 148 13.88 4.77 2.71
N TYR A 149 13.91 4.71 1.38
CA TYR A 149 15.04 4.24 0.59
C TYR A 149 15.68 5.40 -0.17
N ALA A 150 16.99 5.59 0.03
CA ALA A 150 17.79 6.51 -0.77
C ALA A 150 18.60 5.69 -1.76
N VAL A 151 18.49 6.02 -3.05
CA VAL A 151 18.97 5.13 -4.11
C VAL A 151 19.89 5.90 -5.05
N GLY A 152 21.13 5.40 -5.21
CA GLY A 152 22.01 5.98 -6.22
C GLY A 152 22.46 7.39 -5.84
N GLY A 153 22.78 8.17 -6.87
CA GLY A 153 23.30 9.51 -6.71
C GLY A 153 24.80 9.61 -6.92
N PHE A 154 25.39 10.64 -6.30
CA PHE A 154 26.77 11.09 -6.52
C PHE A 154 27.31 11.64 -5.20
N ASP A 155 28.53 11.25 -4.81
CA ASP A 155 29.13 11.68 -3.54
C ASP A 155 30.15 12.82 -3.69
N GLY A 156 30.30 13.37 -4.88
CA GLY A 156 31.33 14.36 -5.13
C GLY A 156 32.41 13.74 -6.00
N THR A 157 32.68 12.45 -5.80
CA THR A 157 33.71 11.79 -6.59
C THR A 157 33.18 10.56 -7.30
N ASN A 158 32.39 9.74 -6.60
CA ASN A 158 31.88 8.51 -7.18
C ASN A 158 30.37 8.59 -7.40
N ARG A 159 29.94 8.12 -8.55
CA ARG A 159 28.54 7.88 -8.77
C ARG A 159 28.24 6.50 -8.19
N LEU A 160 27.00 6.34 -7.71
CA LEU A 160 26.68 5.28 -6.77
C LEU A 160 25.71 4.29 -7.37
N ASN A 161 25.97 3.01 -7.12
CA ASN A 161 24.92 2.00 -7.29
C ASN A 161 24.32 1.58 -5.96
N SER A 162 24.90 2.01 -4.84
CA SER A 162 24.42 1.58 -3.54
C SER A 162 23.05 2.18 -3.25
N ALA A 163 22.32 1.51 -2.36
CA ALA A 163 21.08 2.03 -1.83
C ALA A 163 21.10 1.78 -0.34
N GLU A 164 20.42 2.65 0.42
CA GLU A 164 20.38 2.53 1.87
C GLU A 164 18.98 2.87 2.36
N CYS A 165 18.64 2.32 3.52
CA CYS A 165 17.27 2.34 4.02
C CYS A 165 17.24 3.01 5.38
N TYR A 166 16.30 3.94 5.57
CA TYR A 166 16.16 4.70 6.80
C TYR A 166 15.09 4.06 7.66
N TYR A 167 15.45 3.73 8.89
CA TYR A 167 14.49 3.13 9.80
C TYR A 167 14.04 4.18 10.79
N PRO A 168 12.81 4.71 10.66
CA PRO A 168 12.44 5.86 11.50
C PRO A 168 12.39 5.51 12.97
N GLU A 169 11.77 4.39 13.32
CA GLU A 169 11.64 3.95 14.71
C GLU A 169 12.99 3.79 15.39
N ARG A 170 14.07 3.69 14.60
CA ARG A 170 15.41 3.58 15.17
C ARG A 170 16.30 4.76 14.80
N ASN A 171 15.89 5.58 13.82
CA ASN A 171 16.66 6.74 13.39
C ASN A 171 18.09 6.35 13.00
N GLU A 172 18.19 5.32 12.17
CA GLU A 172 19.48 4.97 11.61
C GLU A 172 19.28 4.49 10.18
N TRP A 173 20.39 4.49 9.46
CA TRP A 173 20.43 4.09 8.07
C TRP A 173 21.13 2.74 7.98
N ARG A 174 20.64 1.89 7.09
CA ARG A 174 21.26 0.60 6.83
C ARG A 174 21.45 0.41 5.34
N MET A 175 22.68 0.05 4.95
CA MET A 175 22.95 -0.28 3.56
C MET A 175 22.14 -1.50 3.16
N ILE A 176 21.62 -1.51 1.93
CA ILE A 176 20.94 -2.70 1.43
C ILE A 176 21.75 -3.19 0.23
N THR A 177 21.25 -4.19 -0.49
CA THR A 177 21.87 -4.64 -1.72
C THR A 177 21.97 -3.50 -2.73
N ALA A 178 23.16 -3.33 -3.31
CA ALA A 178 23.39 -2.35 -4.35
C ALA A 178 22.65 -2.72 -5.64
N MET A 179 22.32 -1.70 -6.42
CA MET A 179 21.75 -1.93 -7.74
C MET A 179 22.76 -2.61 -8.63
N ASN A 180 22.29 -3.14 -9.76
CA ASN A 180 23.21 -3.70 -10.74
C ASN A 180 23.93 -2.61 -11.51
N THR A 181 23.43 -1.39 -11.47
CA THR A 181 23.97 -0.32 -12.27
C THR A 181 24.24 0.90 -11.40
N ILE A 182 25.37 1.55 -11.66
CA ILE A 182 25.60 2.87 -11.10
C ILE A 182 24.68 3.87 -11.78
N ARG A 183 23.91 4.63 -10.98
CA ARG A 183 22.95 5.62 -11.49
C ARG A 183 22.97 6.83 -10.60
N SER A 184 23.36 7.98 -11.15
CA SER A 184 23.09 9.26 -10.52
C SER A 184 22.05 9.95 -11.38
N GLY A 185 21.19 10.73 -10.75
CA GLY A 185 20.17 11.45 -11.51
C GLY A 185 19.19 10.53 -12.21
N ALA A 186 18.89 9.37 -11.63
CA ALA A 186 17.92 8.45 -12.19
C ALA A 186 16.52 8.84 -11.72
N GLY A 187 15.52 8.17 -12.29
CA GLY A 187 14.16 8.28 -11.80
C GLY A 187 13.80 7.07 -10.95
N VAL A 188 13.45 7.33 -9.70
CA VAL A 188 13.22 6.29 -8.72
C VAL A 188 11.81 6.43 -8.14
N CYS A 189 11.04 5.34 -8.17
CA CYS A 189 9.68 5.34 -7.59
C CYS A 189 9.28 3.90 -7.27
N VAL A 190 8.21 3.77 -6.50
CA VAL A 190 7.58 2.47 -6.20
C VAL A 190 6.42 2.24 -7.17
N LEU A 191 6.47 1.10 -7.85
CA LEU A 191 5.33 0.59 -8.63
C LEU A 191 5.11 -0.85 -8.23
N HIS A 192 3.84 -1.21 -7.99
CA HIS A 192 3.49 -2.49 -7.36
C HIS A 192 4.17 -2.47 -6.00
N ASN A 193 5.06 -3.40 -5.68
CA ASN A 193 5.82 -3.29 -4.44
C ASN A 193 7.31 -3.49 -4.69
N CYS A 194 7.77 -3.02 -5.86
CA CYS A 194 9.17 -2.96 -6.21
C CYS A 194 9.63 -1.50 -6.27
N ILE A 195 10.87 -1.26 -5.84
CA ILE A 195 11.52 0.03 -6.06
C ILE A 195 12.07 0.02 -7.46
N TYR A 196 11.60 0.94 -8.29
CA TYR A 196 12.10 1.04 -9.65
C TYR A 196 13.15 2.13 -9.73
N ALA A 197 14.11 1.95 -10.63
CA ALA A 197 15.20 2.89 -10.84
C ALA A 197 15.45 2.94 -12.34
N ALA A 198 15.15 4.07 -12.97
CA ALA A 198 15.14 4.14 -14.43
C ALA A 198 16.16 5.16 -14.90
N GLY A 199 16.97 4.77 -15.89
CA GLY A 199 17.91 5.69 -16.47
C GLY A 199 18.94 6.19 -15.46
N GLY A 200 19.35 7.43 -15.66
CA GLY A 200 20.40 8.07 -14.89
C GLY A 200 21.69 8.17 -15.70
N TYR A 201 22.77 8.47 -14.99
CA TYR A 201 24.08 8.69 -15.58
C TYR A 201 25.09 7.99 -14.71
N ASP A 202 26.02 7.25 -15.33
CA ASP A 202 27.01 6.48 -14.57
C ASP A 202 28.40 7.08 -14.67
N GLY A 203 28.52 8.32 -15.14
CA GLY A 203 29.79 8.98 -15.29
C GLY A 203 30.41 8.82 -16.65
N GLN A 204 29.89 7.92 -17.48
CA GLN A 204 30.28 7.84 -18.89
C GLN A 204 29.12 8.11 -19.82
N ASP A 205 27.94 7.57 -19.52
CA ASP A 205 26.82 7.57 -20.45
C ASP A 205 25.52 7.70 -19.69
N GLN A 206 24.56 8.40 -20.30
CA GLN A 206 23.18 8.32 -19.87
C GLN A 206 22.67 6.89 -20.07
N LEU A 207 21.68 6.50 -19.27
CA LEU A 207 21.20 5.12 -19.27
C LEU A 207 19.76 5.06 -19.72
N ASN A 208 19.43 4.03 -20.50
CA ASN A 208 18.03 3.67 -20.71
C ASN A 208 17.61 2.42 -19.95
N SER A 209 18.54 1.70 -19.31
CA SER A 209 18.16 0.52 -18.55
C SER A 209 17.31 0.90 -17.36
N VAL A 210 16.48 -0.05 -16.93
CA VAL A 210 15.64 0.08 -15.75
C VAL A 210 15.75 -1.22 -14.97
N GLU A 211 15.71 -1.13 -13.64
CA GLU A 211 15.76 -2.31 -12.79
C GLU A 211 14.90 -2.02 -11.58
N ARG A 212 14.42 -3.09 -10.94
CA ARG A 212 13.53 -2.95 -9.80
C ARG A 212 13.96 -3.85 -8.67
N TYR A 213 13.72 -3.40 -7.44
CA TYR A 213 14.17 -4.06 -6.24
C TYR A 213 13.00 -4.80 -5.59
N ASP A 214 13.19 -6.08 -5.30
CA ASP A 214 12.18 -6.88 -4.61
C ASP A 214 12.60 -7.03 -3.15
N VAL A 215 11.79 -6.49 -2.23
CA VAL A 215 12.19 -6.42 -0.83
C VAL A 215 12.36 -7.82 -0.23
N ALA A 216 11.39 -8.71 -0.46
CA ALA A 216 11.42 -10.02 0.22
C ALA A 216 12.64 -10.84 -0.18
N THR A 217 13.05 -10.78 -1.45
CA THR A 217 14.23 -11.51 -1.87
C THR A 217 15.49 -10.66 -1.90
N ALA A 218 15.38 -9.37 -1.59
CA ALA A 218 16.52 -8.43 -1.59
C ALA A 218 17.33 -8.53 -2.88
N THR A 219 16.65 -8.60 -4.01
CA THR A 219 17.32 -8.70 -5.27
C THR A 219 16.88 -7.62 -6.25
N TRP A 220 17.81 -7.20 -7.11
CA TRP A 220 17.51 -6.17 -8.10
C TRP A 220 17.40 -6.79 -9.49
N THR A 221 16.18 -7.08 -9.90
CA THR A 221 15.93 -7.67 -11.21
C THR A 221 15.88 -6.61 -12.31
N PHE A 222 16.47 -6.93 -13.45
CA PHE A 222 16.51 -6.00 -14.59
C PHE A 222 15.25 -6.13 -15.42
N VAL A 223 14.52 -5.03 -15.56
CA VAL A 223 13.29 -5.00 -16.34
C VAL A 223 13.53 -4.48 -17.75
N ALA A 224 12.45 -4.09 -18.42
CA ALA A 224 12.55 -3.56 -19.78
C ALA A 224 13.12 -2.14 -19.78
N PRO A 225 14.07 -1.88 -20.69
CA PRO A 225 14.71 -0.56 -20.82
C PRO A 225 13.81 0.42 -21.56
N MET A 226 14.10 1.71 -21.42
CA MET A 226 13.33 2.73 -22.07
C MET A 226 13.87 2.94 -23.46
N LYS A 227 13.13 3.69 -24.25
CA LYS A 227 13.61 3.93 -25.58
C LYS A 227 14.76 4.94 -25.63
N HIS A 228 14.71 6.00 -24.86
CA HIS A 228 15.75 7.02 -24.91
C HIS A 228 16.47 7.15 -23.58
N ARG A 229 17.79 7.00 -23.61
CA ARG A 229 18.62 7.27 -22.44
C ARG A 229 18.33 8.67 -21.91
N ARG A 230 18.37 8.82 -20.60
CA ARG A 230 18.04 10.08 -19.96
C ARG A 230 18.50 10.08 -18.52
N SER A 231 19.10 11.19 -18.11
CA SER A 231 19.33 11.49 -16.70
C SER A 231 18.60 12.78 -16.36
N ALA A 232 18.45 13.03 -15.06
CA ALA A 232 17.79 14.24 -14.57
C ALA A 232 16.34 14.28 -15.04
N LEU A 233 15.69 13.12 -14.99
CA LEU A 233 14.33 12.94 -15.46
C LEU A 233 13.35 13.01 -14.31
N GLY A 234 12.14 13.46 -14.62
CA GLY A 234 11.04 13.32 -13.70
C GLY A 234 10.46 11.92 -13.79
N ILE A 235 9.78 11.51 -12.73
CA ILE A 235 9.19 10.17 -12.70
C ILE A 235 8.05 10.17 -11.69
N THR A 236 7.01 9.41 -12.04
CA THR A 236 5.86 9.25 -11.16
C THR A 236 5.04 8.07 -11.64
N VAL A 237 4.17 7.59 -10.77
CA VAL A 237 3.27 6.47 -11.07
C VAL A 237 1.84 6.99 -11.01
N HIS A 238 1.10 6.77 -12.09
CA HIS A 238 -0.28 7.25 -12.25
C HIS A 238 -1.17 6.04 -12.46
N GLN A 239 -1.89 5.64 -11.42
CA GLN A 239 -2.79 4.49 -11.46
C GLN A 239 -2.08 3.25 -12.04
N GLY A 240 -1.03 2.85 -11.33
CA GLY A 240 -0.35 1.60 -11.63
C GLY A 240 0.46 1.55 -12.92
N ARG A 241 0.91 2.70 -13.44
CA ARG A 241 1.85 2.70 -14.55
C ARG A 241 2.89 3.80 -14.33
N ILE A 242 4.02 3.69 -15.05
CA ILE A 242 5.19 4.52 -14.79
C ILE A 242 5.34 5.53 -15.92
N TYR A 243 5.48 6.81 -15.55
CA TYR A 243 5.75 7.88 -16.51
C TYR A 243 7.09 8.53 -16.19
N VAL A 244 7.96 8.61 -17.19
CA VAL A 244 9.20 9.38 -17.12
C VAL A 244 9.10 10.57 -18.06
N LEU A 245 9.45 11.76 -17.55
CA LEU A 245 9.24 13.02 -18.24
C LEU A 245 10.57 13.76 -18.39
N GLY A 246 11.01 13.95 -19.63
CA GLY A 246 12.10 14.87 -19.91
C GLY A 246 13.47 14.29 -19.58
N GLY A 247 14.39 15.18 -19.24
CA GLY A 247 15.73 14.83 -18.84
C GLY A 247 16.75 15.23 -19.90
N TYR A 248 17.99 14.83 -19.63
CA TYR A 248 19.12 15.14 -20.48
C TYR A 248 19.77 13.83 -20.94
N ASP A 249 20.19 13.79 -22.20
CA ASP A 249 20.85 12.60 -22.74
C ASP A 249 22.30 12.87 -23.12
N GLY A 250 22.89 13.94 -22.61
CA GLY A 250 24.24 14.33 -22.98
C GLY A 250 24.29 15.36 -24.09
N HIS A 251 23.22 15.48 -24.85
CA HIS A 251 23.15 16.40 -25.97
C HIS A 251 21.90 17.27 -25.95
N THR A 252 20.75 16.70 -25.59
CA THR A 252 19.45 17.30 -25.82
C THR A 252 18.66 17.34 -24.53
N PHE A 253 17.90 18.41 -24.34
CA PHE A 253 16.91 18.47 -23.27
C PHE A 253 15.63 17.85 -23.83
N LEU A 254 15.23 16.72 -23.25
CA LEU A 254 14.15 15.94 -23.83
C LEU A 254 12.79 16.49 -23.42
N ASP A 255 11.86 16.46 -24.37
CA ASP A 255 10.44 16.56 -24.07
C ASP A 255 9.75 15.21 -24.08
N SER A 256 10.42 14.15 -24.54
CA SER A 256 9.82 12.84 -24.64
C SER A 256 9.31 12.34 -23.30
N VAL A 257 8.08 11.81 -23.29
CA VAL A 257 7.50 11.15 -22.13
C VAL A 257 7.23 9.70 -22.52
N GLU A 258 7.94 8.76 -21.88
CA GLU A 258 7.75 7.33 -22.09
C GLU A 258 6.86 6.75 -21.01
N CYS A 259 6.19 5.65 -21.33
CA CYS A 259 5.32 4.95 -20.39
C CYS A 259 5.69 3.47 -20.33
N TYR A 260 5.90 2.97 -19.12
CA TYR A 260 6.19 1.55 -18.91
C TYR A 260 4.91 0.83 -18.55
N ASP A 261 4.59 -0.22 -19.30
CA ASP A 261 3.50 -1.11 -18.92
C ASP A 261 4.09 -2.33 -18.24
N PRO A 262 3.85 -2.53 -16.94
CA PRO A 262 4.45 -3.68 -16.26
C PRO A 262 3.94 -5.00 -16.78
N ASP A 263 2.62 -5.13 -16.94
CA ASP A 263 2.03 -6.41 -17.29
C ASP A 263 2.51 -6.91 -18.65
N THR A 264 3.06 -6.02 -19.48
CA THR A 264 3.69 -6.47 -20.71
C THR A 264 5.19 -6.20 -20.74
N ASP A 265 5.71 -5.46 -19.77
CA ASP A 265 7.12 -5.07 -19.73
C ASP A 265 7.53 -4.39 -21.04
N THR A 266 6.86 -3.28 -21.35
CA THR A 266 7.20 -2.52 -22.54
C THR A 266 7.12 -1.03 -22.24
N TRP A 267 8.09 -0.27 -22.73
CA TRP A 267 8.13 1.18 -22.52
C TRP A 267 7.75 1.92 -23.80
N SER A 268 6.58 2.56 -23.79
CA SER A 268 6.11 3.30 -24.95
C SER A 268 6.08 4.80 -24.69
N GLU A 269 6.33 5.58 -25.74
CA GLU A 269 6.33 7.03 -25.62
C GLU A 269 4.93 7.60 -25.84
N VAL A 270 4.16 7.71 -24.77
CA VAL A 270 2.80 8.22 -24.85
C VAL A 270 2.75 9.59 -25.52
N THR A 271 3.39 10.57 -24.91
CA THR A 271 3.43 11.92 -25.46
C THR A 271 4.65 12.69 -24.96
N ARG A 272 4.87 13.87 -25.54
CA ARG A 272 6.00 14.70 -25.16
C ARG A 272 5.54 15.95 -24.39
N MET A 273 6.49 16.67 -23.81
CA MET A 273 6.17 17.86 -23.05
C MET A 273 6.10 19.06 -24.00
N THR A 274 5.58 20.17 -23.51
CA THR A 274 5.46 21.35 -24.36
C THR A 274 6.84 21.83 -24.81
N SER A 275 7.87 21.52 -24.02
CA SER A 275 9.24 21.89 -24.36
C SER A 275 10.21 21.02 -23.56
N GLY A 276 11.34 20.68 -24.20
CA GLY A 276 12.34 19.88 -23.52
C GLY A 276 12.87 20.57 -22.27
N ARG A 277 13.20 19.75 -21.27
CA ARG A 277 13.73 20.27 -20.02
C ARG A 277 14.25 19.11 -19.17
N SER A 278 15.19 19.41 -18.29
CA SER A 278 15.71 18.46 -17.32
C SER A 278 15.46 18.97 -15.92
N GLY A 279 15.57 18.08 -14.95
CA GLY A 279 15.59 18.43 -13.54
C GLY A 279 14.28 18.91 -12.96
N VAL A 280 13.16 18.32 -13.37
CA VAL A 280 11.86 18.77 -12.90
C VAL A 280 11.53 18.09 -11.58
N GLY A 281 10.55 18.64 -10.87
CA GLY A 281 9.87 17.94 -9.80
C GLY A 281 8.53 17.44 -10.32
N VAL A 282 8.22 16.17 -10.05
CA VAL A 282 7.00 15.54 -10.52
C VAL A 282 6.28 14.85 -9.36
N ALA A 283 4.95 14.97 -9.34
CA ALA A 283 4.08 14.29 -8.38
C ALA A 283 2.70 14.17 -8.99
N VAL A 284 1.73 13.71 -8.20
CA VAL A 284 0.38 13.46 -8.68
C VAL A 284 -0.62 13.82 -7.60
N THR A 285 -1.64 14.59 -7.97
CA THR A 285 -2.81 14.88 -7.12
C THR A 285 -3.99 15.27 -7.99
N GLY B 1 -20.46 8.15 11.30
CA GLY B 1 -20.69 7.18 12.35
C GLY B 1 -20.76 5.76 11.82
N ARG B 2 -19.86 4.90 12.29
CA ARG B 2 -19.69 3.56 11.73
C ARG B 2 -19.99 2.48 12.76
N LEU B 3 -20.62 1.40 12.31
CA LEU B 3 -21.00 0.28 13.17
C LEU B 3 -20.22 -0.97 12.79
N ILE B 4 -20.22 -1.93 13.70
CA ILE B 4 -19.62 -3.24 13.46
C ILE B 4 -20.73 -4.21 13.10
N TYR B 5 -20.75 -4.64 11.85
CA TYR B 5 -21.79 -5.53 11.34
C TYR B 5 -21.34 -6.97 11.42
N THR B 6 -22.20 -7.85 11.94
CA THR B 6 -21.96 -9.29 11.91
C THR B 6 -23.10 -9.95 11.13
N ALA B 7 -22.73 -10.76 10.14
CA ALA B 7 -23.68 -11.47 9.29
C ALA B 7 -23.55 -12.97 9.49
N GLY B 8 -24.70 -13.64 9.57
CA GLY B 8 -24.78 -15.08 9.60
C GLY B 8 -24.07 -15.69 10.79
N GLY B 9 -23.53 -16.86 10.59
CA GLY B 9 -22.86 -17.59 11.63
C GLY B 9 -23.55 -18.88 11.93
N TYR B 10 -23.10 -19.54 12.97
CA TYR B 10 -23.63 -20.80 13.34
C TYR B 10 -23.90 -21.01 14.82
N PHE B 11 -25.02 -21.60 15.13
CA PHE B 11 -25.41 -22.02 16.47
C PHE B 11 -26.51 -22.99 16.25
N ARG B 12 -26.17 -24.28 16.26
CA ARG B 12 -27.08 -25.43 15.98
C ARG B 12 -27.49 -25.66 14.51
N GLN B 13 -27.63 -24.60 13.75
CA GLN B 13 -27.85 -24.52 12.35
C GLN B 13 -27.22 -23.17 11.89
N SER B 14 -27.15 -22.95 10.60
CA SER B 14 -26.66 -21.68 10.13
C SER B 14 -27.69 -20.55 10.41
N LEU B 15 -27.24 -19.31 10.55
CA LEU B 15 -28.08 -18.21 10.90
C LEU B 15 -28.18 -17.21 9.79
N SER B 16 -29.20 -16.41 9.86
CA SER B 16 -29.49 -15.36 8.89
C SER B 16 -29.28 -13.98 9.49
N TYR B 17 -28.78 -13.89 10.72
CA TYR B 17 -28.77 -12.62 11.45
C TYR B 17 -27.83 -11.62 10.81
N LEU B 18 -28.32 -10.41 10.60
CA LEU B 18 -27.46 -9.26 10.40
C LEU B 18 -27.75 -8.31 11.54
N GLU B 19 -26.76 -8.12 12.43
CA GLU B 19 -26.83 -7.15 13.51
C GLU B 19 -25.59 -6.26 13.48
N ALA B 20 -25.73 -5.06 14.00
CA ALA B 20 -24.67 -4.06 13.93
C ALA B 20 -24.44 -3.49 15.32
N TYR B 21 -23.19 -3.55 15.79
CA TYR B 21 -22.82 -3.12 17.13
C TYR B 21 -22.30 -1.69 17.11
N ASN B 22 -22.81 -0.87 18.04
CA ASN B 22 -22.37 0.50 18.21
C ASN B 22 -21.40 0.56 19.38
N PRO B 23 -20.08 0.66 19.13
CA PRO B 23 -19.13 0.64 20.25
C PRO B 23 -19.28 1.83 21.18
N SER B 24 -19.98 2.89 20.76
CA SER B 24 -20.15 4.04 21.65
C SER B 24 -21.35 3.86 22.57
N ASP B 25 -22.55 3.64 22.01
CA ASP B 25 -23.72 3.56 22.88
C ASP B 25 -24.06 2.13 23.27
N GLY B 26 -23.35 1.14 22.73
CA GLY B 26 -23.46 -0.22 23.20
C GLY B 26 -24.59 -1.05 22.62
N THR B 27 -25.41 -0.49 21.73
CA THR B 27 -26.57 -1.22 21.21
C THR B 27 -26.16 -2.22 20.12
N TRP B 28 -26.98 -3.25 19.98
CA TRP B 28 -27.02 -4.13 18.82
C TRP B 28 -28.28 -3.82 18.03
N LEU B 29 -28.09 -3.53 16.75
CA LEU B 29 -29.17 -3.17 15.85
C LEU B 29 -29.52 -4.38 15.00
N ARG B 30 -30.80 -4.75 14.97
CA ARG B 30 -31.23 -5.91 14.19
C ARG B 30 -31.64 -5.42 12.81
N LEU B 31 -30.94 -5.88 11.78
CA LEU B 31 -31.16 -5.41 10.42
C LEU B 31 -31.75 -6.53 9.57
N ALA B 32 -31.84 -6.27 8.26
CA ALA B 32 -32.43 -7.25 7.35
C ALA B 32 -31.69 -8.60 7.40
N ASP B 33 -32.45 -9.68 7.53
CA ASP B 33 -31.90 -11.02 7.48
C ASP B 33 -31.19 -11.26 6.15
N LEU B 34 -30.16 -12.09 6.18
CA LEU B 34 -29.65 -12.66 4.94
C LEU B 34 -30.75 -13.39 4.20
N GLN B 35 -30.70 -13.33 2.86
CA GLN B 35 -31.64 -14.08 2.04
C GLN B 35 -31.55 -15.56 2.38
N VAL B 36 -30.37 -16.03 2.79
CA VAL B 36 -30.08 -17.45 3.00
C VAL B 36 -29.18 -17.60 4.23
N PRO B 37 -29.58 -18.39 5.23
CA PRO B 37 -28.71 -18.57 6.40
C PRO B 37 -27.38 -19.17 5.96
N ARG B 38 -26.27 -18.61 6.46
CA ARG B 38 -24.94 -19.08 6.14
C ARG B 38 -24.04 -18.96 7.36
N SER B 39 -23.22 -19.99 7.57
CA SER B 39 -22.06 -19.95 8.46
C SER B 39 -20.81 -20.13 7.62
N GLY B 40 -19.67 -19.69 8.15
CA GLY B 40 -18.41 -19.88 7.45
C GLY B 40 -18.20 -18.92 6.32
N LEU B 41 -18.94 -17.82 6.28
CA LEU B 41 -18.81 -16.79 5.27
C LEU B 41 -17.77 -15.76 5.73
N ALA B 42 -17.47 -14.83 4.86
CA ALA B 42 -16.67 -13.68 5.21
C ALA B 42 -17.45 -12.43 4.88
N GLY B 43 -17.12 -11.35 5.57
CA GLY B 43 -17.73 -10.06 5.27
C GLY B 43 -16.66 -9.08 4.85
N CYS B 44 -17.03 -8.06 4.09
CA CYS B 44 -16.12 -7.00 3.70
C CYS B 44 -16.96 -5.83 3.22
N VAL B 45 -16.31 -4.69 3.03
CA VAL B 45 -17.00 -3.47 2.63
C VAL B 45 -16.25 -2.89 1.44
N VAL B 46 -16.98 -2.62 0.36
CA VAL B 46 -16.45 -1.84 -0.76
C VAL B 46 -17.45 -0.74 -1.07
N GLY B 47 -16.96 0.49 -1.19
CA GLY B 47 -17.83 1.62 -1.49
C GLY B 47 -18.98 1.79 -0.53
N GLY B 48 -18.75 1.51 0.76
CA GLY B 48 -19.81 1.62 1.73
C GLY B 48 -20.81 0.47 1.77
N LEU B 49 -20.82 -0.41 0.77
CA LEU B 49 -21.70 -1.55 0.75
C LEU B 49 -21.07 -2.75 1.47
N LEU B 50 -21.90 -3.48 2.24
CA LEU B 50 -21.46 -4.66 2.97
C LEU B 50 -21.69 -5.91 2.11
N TYR B 51 -20.64 -6.67 1.89
CA TYR B 51 -20.72 -7.92 1.14
C TYR B 51 -20.59 -9.13 2.07
N ALA B 52 -21.46 -10.11 1.86
CA ALA B 52 -21.40 -11.43 2.51
C ALA B 52 -20.95 -12.45 1.49
N VAL B 53 -19.81 -13.11 1.73
CA VAL B 53 -19.15 -13.95 0.72
C VAL B 53 -19.06 -15.41 1.18
N GLY B 54 -19.62 -16.30 0.37
CA GLY B 54 -19.44 -17.73 0.49
C GLY B 54 -20.12 -18.28 1.73
N GLY B 55 -19.51 -19.30 2.30
CA GLY B 55 -20.09 -19.93 3.47
C GLY B 55 -20.83 -21.21 3.16
N ARG B 56 -21.81 -21.51 4.01
CA ARG B 56 -22.45 -22.82 3.99
C ARG B 56 -23.79 -22.73 4.71
N ASN B 57 -24.82 -23.35 4.13
CA ASN B 57 -26.15 -23.35 4.72
C ASN B 57 -26.36 -24.71 5.38
N ASN B 58 -26.10 -24.81 6.69
CA ASN B 58 -26.44 -25.99 7.48
C ASN B 58 -27.87 -25.85 7.96
N SER B 59 -28.74 -26.73 7.48
CA SER B 59 -30.15 -26.67 7.81
C SER B 59 -30.62 -28.06 8.19
N PRO B 60 -31.67 -28.17 8.99
CA PRO B 60 -32.28 -29.49 9.21
C PRO B 60 -32.84 -30.10 7.94
N ASP B 61 -33.06 -29.31 6.89
CA ASP B 61 -33.56 -29.87 5.63
C ASP B 61 -32.41 -30.34 4.75
N GLY B 62 -31.18 -29.98 5.09
CA GLY B 62 -30.04 -30.32 4.28
C GLY B 62 -28.93 -29.29 4.44
N ASN B 63 -27.78 -29.61 3.84
CA ASN B 63 -26.57 -28.82 3.99
C ASN B 63 -25.97 -28.57 2.62
N THR B 64 -25.64 -27.31 2.32
CA THR B 64 -25.03 -26.96 1.04
C THR B 64 -24.03 -25.85 1.23
N ASP B 65 -22.81 -26.05 0.71
CA ASP B 65 -21.88 -24.95 0.64
C ASP B 65 -22.42 -23.89 -0.32
N SER B 66 -21.89 -22.68 -0.23
CA SER B 66 -22.48 -21.56 -0.94
C SER B 66 -21.37 -20.82 -1.68
N SER B 67 -21.62 -20.54 -2.95
CA SER B 67 -20.82 -19.64 -3.77
C SER B 67 -21.37 -18.22 -3.79
N ALA B 68 -22.43 -17.94 -3.02
CA ALA B 68 -23.17 -16.69 -3.20
C ALA B 68 -22.35 -15.49 -2.78
N LEU B 69 -22.55 -14.39 -3.49
CA LEU B 69 -22.11 -13.07 -3.07
C LEU B 69 -23.36 -12.20 -2.95
N ASP B 70 -23.57 -11.58 -1.79
CA ASP B 70 -24.74 -10.75 -1.56
C ASP B 70 -24.30 -9.42 -0.98
N CYS B 71 -25.07 -8.37 -1.28
CA CYS B 71 -24.66 -7.01 -0.98
C CYS B 71 -25.72 -6.30 -0.14
N TYR B 72 -25.28 -5.71 0.96
CA TYR B 72 -26.18 -5.03 1.89
C TYR B 72 -25.86 -3.54 1.88
N ASN B 73 -26.91 -2.73 1.72
CA ASN B 73 -26.82 -1.28 1.65
C ASN B 73 -27.43 -0.69 2.91
N PRO B 74 -26.63 -0.08 3.79
CA PRO B 74 -27.22 0.51 5.00
C PRO B 74 -28.20 1.65 4.71
N MET B 75 -28.16 2.26 3.52
CA MET B 75 -29.11 3.32 3.22
C MET B 75 -30.51 2.76 3.03
N THR B 76 -30.62 1.60 2.40
CA THR B 76 -31.91 0.99 2.16
C THR B 76 -32.26 -0.14 3.13
N ASN B 77 -31.32 -0.56 3.96
CA ASN B 77 -31.49 -1.77 4.77
C ASN B 77 -32.06 -2.91 3.93
N GLN B 78 -31.45 -3.14 2.76
CA GLN B 78 -31.87 -4.23 1.89
C GLN B 78 -30.67 -5.01 1.38
N TRP B 79 -30.82 -6.34 1.30
CA TRP B 79 -29.86 -7.20 0.61
C TRP B 79 -30.22 -7.34 -0.87
N SER B 80 -29.20 -7.29 -1.72
CA SER B 80 -29.31 -7.58 -3.13
C SER B 80 -28.27 -8.65 -3.50
N PRO B 81 -28.63 -9.63 -4.31
CA PRO B 81 -27.62 -10.61 -4.74
C PRO B 81 -26.66 -10.06 -5.77
N CYS B 82 -25.49 -10.69 -5.82
CA CYS B 82 -24.52 -10.40 -6.87
C CYS B 82 -24.26 -11.68 -7.66
N ALA B 83 -23.41 -11.55 -8.67
CA ALA B 83 -22.98 -12.73 -9.37
C ALA B 83 -22.24 -13.64 -8.39
N PRO B 84 -22.33 -14.95 -8.54
CA PRO B 84 -21.69 -15.87 -7.59
C PRO B 84 -20.25 -16.19 -7.98
N MET B 85 -19.49 -16.68 -7.00
CA MET B 85 -18.17 -17.20 -7.26
C MET B 85 -18.25 -18.42 -8.18
N SER B 86 -17.10 -18.78 -8.73
CA SER B 86 -17.07 -19.94 -9.61
C SER B 86 -17.31 -21.25 -8.87
N VAL B 87 -16.99 -21.30 -7.58
CA VAL B 87 -17.24 -22.52 -6.80
C VAL B 87 -17.78 -22.11 -5.44
N PRO B 88 -18.51 -22.99 -4.77
CA PRO B 88 -18.83 -22.75 -3.36
C PRO B 88 -17.55 -22.73 -2.52
N ARG B 89 -17.56 -21.94 -1.45
CA ARG B 89 -16.37 -21.74 -0.60
C ARG B 89 -16.85 -21.57 0.83
N ASN B 90 -16.95 -22.68 1.54
CA ASN B 90 -17.22 -22.66 2.97
C ASN B 90 -15.93 -22.42 3.73
N ARG B 91 -16.01 -21.70 4.85
CA ARG B 91 -14.84 -21.28 5.63
C ARG B 91 -13.82 -20.56 4.76
N ILE B 92 -14.31 -19.51 4.14
CA ILE B 92 -13.59 -18.71 3.17
C ILE B 92 -12.83 -17.61 3.92
N GLY B 93 -11.80 -17.06 3.26
CA GLY B 93 -11.24 -15.78 3.64
C GLY B 93 -11.34 -14.82 2.47
N VAL B 94 -11.50 -13.54 2.78
CA VAL B 94 -11.58 -12.53 1.73
C VAL B 94 -10.72 -11.34 2.10
N GLY B 95 -10.34 -10.58 1.09
CA GLY B 95 -9.67 -9.32 1.28
C GLY B 95 -9.97 -8.43 0.10
N VAL B 96 -9.77 -7.14 0.30
CA VAL B 96 -10.14 -6.11 -0.66
C VAL B 96 -8.87 -5.36 -1.09
N ILE B 97 -8.63 -5.30 -2.39
CA ILE B 97 -7.58 -4.48 -2.97
C ILE B 97 -8.15 -3.64 -4.10
N ASP B 98 -7.92 -2.33 -4.04
CA ASP B 98 -8.35 -1.38 -5.09
C ASP B 98 -9.80 -1.61 -5.47
N GLY B 99 -10.65 -1.70 -4.46
CA GLY B 99 -12.07 -1.82 -4.70
C GLY B 99 -12.49 -3.15 -5.26
N HIS B 100 -11.63 -4.18 -5.19
CA HIS B 100 -11.90 -5.51 -5.68
C HIS B 100 -11.87 -6.52 -4.54
N ILE B 101 -12.83 -7.45 -4.53
CA ILE B 101 -12.93 -8.48 -3.51
C ILE B 101 -12.19 -9.72 -3.97
N TYR B 102 -11.24 -10.18 -3.16
CA TYR B 102 -10.55 -11.44 -3.40
C TYR B 102 -11.12 -12.52 -2.50
N ALA B 103 -11.59 -13.60 -3.09
CA ALA B 103 -12.10 -14.75 -2.38
C ALA B 103 -11.04 -15.85 -2.36
N VAL B 104 -10.65 -16.29 -1.17
CA VAL B 104 -9.48 -17.16 -0.98
C VAL B 104 -9.90 -18.47 -0.31
N GLY B 105 -9.59 -19.58 -0.98
CA GLY B 105 -9.62 -20.86 -0.29
C GLY B 105 -11.03 -21.34 0.02
N GLY B 106 -11.14 -22.07 1.12
CA GLY B 106 -12.40 -22.64 1.56
C GLY B 106 -12.54 -24.07 1.10
N SER B 107 -13.72 -24.62 1.35
CA SER B 107 -14.02 -25.98 0.98
C SER B 107 -15.33 -26.05 0.21
N HIS B 108 -15.45 -27.12 -0.56
CA HIS B 108 -16.70 -27.51 -1.22
C HIS B 108 -16.78 -29.02 -1.06
N GLY B 109 -17.58 -29.46 -0.11
CA GLY B 109 -17.63 -30.90 0.12
C GLY B 109 -16.26 -31.39 0.55
N CYS B 110 -15.72 -32.38 -0.14
CA CYS B 110 -14.37 -32.85 0.16
C CYS B 110 -13.29 -32.03 -0.54
N ILE B 111 -13.67 -31.05 -1.37
CA ILE B 111 -12.68 -30.27 -2.12
C ILE B 111 -12.12 -29.19 -1.20
N HIS B 112 -10.81 -29.18 -1.02
CA HIS B 112 -10.12 -28.14 -0.26
C HIS B 112 -9.43 -27.21 -1.26
N HIS B 113 -9.93 -25.97 -1.37
CA HIS B 113 -9.49 -25.10 -2.45
C HIS B 113 -8.11 -24.51 -2.17
N ASN B 114 -7.26 -24.47 -3.21
CA ASN B 114 -6.22 -23.46 -3.27
C ASN B 114 -6.57 -22.33 -4.22
N SER B 115 -7.67 -22.45 -4.96
CA SER B 115 -8.05 -21.43 -5.92
C SER B 115 -8.42 -20.12 -5.22
N VAL B 116 -8.31 -19.04 -5.99
CA VAL B 116 -8.53 -17.67 -5.58
C VAL B 116 -9.21 -16.95 -6.74
N GLU B 117 -10.20 -16.13 -6.46
CA GLU B 117 -10.84 -15.39 -7.54
C GLU B 117 -11.18 -13.99 -7.06
N ARG B 118 -11.33 -13.08 -8.04
CA ARG B 118 -11.41 -11.65 -7.78
C ARG B 118 -12.75 -11.12 -8.28
N TYR B 119 -13.40 -10.30 -7.47
CA TYR B 119 -14.69 -9.76 -7.85
C TYR B 119 -14.55 -8.28 -8.17
N GLU B 120 -15.26 -7.83 -9.21
CA GLU B 120 -15.20 -6.43 -9.58
C GLU B 120 -16.59 -5.83 -9.43
N PRO B 121 -16.82 -5.01 -8.41
CA PRO B 121 -18.18 -4.49 -8.19
C PRO B 121 -18.71 -3.72 -9.38
N GLU B 122 -17.85 -2.99 -10.09
CA GLU B 122 -18.32 -2.15 -11.17
C GLU B 122 -18.91 -2.96 -12.32
N ARG B 123 -18.45 -4.20 -12.49
CA ARG B 123 -18.96 -5.01 -13.58
C ARG B 123 -19.80 -6.18 -13.11
N ASP B 124 -19.89 -6.42 -11.81
CA ASP B 124 -20.54 -7.60 -11.24
C ASP B 124 -20.06 -8.89 -11.92
N GLU B 125 -18.74 -9.09 -11.90
CA GLU B 125 -18.17 -10.33 -12.43
C GLU B 125 -16.98 -10.79 -11.61
N TRP B 126 -16.83 -12.12 -11.53
CA TRP B 126 -15.71 -12.78 -10.88
C TRP B 126 -14.73 -13.29 -11.92
N HIS B 127 -13.44 -13.22 -11.61
CA HIS B 127 -12.42 -13.85 -12.44
C HIS B 127 -11.40 -14.58 -11.58
N LEU B 128 -11.06 -15.80 -12.00
CA LEU B 128 -10.02 -16.59 -11.35
C LEU B 128 -8.66 -15.93 -11.48
N VAL B 129 -7.86 -16.01 -10.41
CA VAL B 129 -6.48 -15.53 -10.45
C VAL B 129 -5.58 -16.67 -10.02
N ALA B 130 -4.30 -16.36 -9.84
CA ALA B 130 -3.34 -17.42 -9.53
C ALA B 130 -3.76 -18.14 -8.24
N PRO B 131 -3.80 -19.47 -8.25
CA PRO B 131 -4.11 -20.19 -7.02
C PRO B 131 -2.97 -20.07 -6.03
N MET B 132 -3.32 -20.13 -4.75
CA MET B 132 -2.33 -20.18 -3.68
C MET B 132 -1.40 -21.38 -3.84
N LEU B 133 -0.26 -21.31 -3.16
CA LEU B 133 0.64 -22.46 -3.05
C LEU B 133 0.03 -23.59 -2.26
N THR B 134 -0.94 -23.30 -1.42
CA THR B 134 -1.45 -24.23 -0.42
C THR B 134 -2.97 -24.26 -0.44
N ARG B 135 -3.55 -25.44 -0.31
CA ARG B 135 -5.00 -25.54 -0.10
C ARG B 135 -5.31 -25.15 1.32
N ARG B 136 -6.24 -24.21 1.52
CA ARG B 136 -6.46 -23.60 2.83
C ARG B 136 -7.95 -23.42 3.09
N ILE B 137 -8.46 -24.12 4.09
CA ILE B 137 -9.82 -23.98 4.60
C ILE B 137 -9.74 -23.25 5.92
N GLY B 138 -10.69 -22.36 6.19
CA GLY B 138 -10.58 -21.66 7.45
C GLY B 138 -9.35 -20.79 7.43
N VAL B 139 -9.06 -20.20 6.31
CA VAL B 139 -7.88 -19.38 6.13
C VAL B 139 -8.19 -17.95 6.57
N GLY B 140 -7.25 -17.30 7.26
CA GLY B 140 -7.39 -15.88 7.57
C GLY B 140 -6.71 -15.05 6.48
N VAL B 141 -7.36 -13.94 6.10
CA VAL B 141 -6.92 -13.14 4.97
C VAL B 141 -6.87 -11.68 5.40
N ALA B 142 -5.82 -11.00 4.97
CA ALA B 142 -5.69 -9.58 5.25
C ALA B 142 -4.87 -8.93 4.16
N VAL B 143 -5.06 -7.64 4.01
CA VAL B 143 -4.39 -6.86 2.99
C VAL B 143 -3.53 -5.82 3.69
N LEU B 144 -2.27 -5.76 3.31
CA LEU B 144 -1.34 -4.79 3.83
C LEU B 144 -0.60 -4.20 2.64
N ASN B 145 -0.76 -2.89 2.44
CA ASN B 145 -0.06 -2.16 1.38
C ASN B 145 -0.35 -2.78 0.01
N ARG B 146 -1.59 -3.17 -0.20
CA ARG B 146 -2.10 -3.67 -1.47
C ARG B 146 -1.52 -5.02 -1.82
N LEU B 147 -1.02 -5.73 -0.82
CA LEU B 147 -0.68 -7.14 -0.93
C LEU B 147 -1.67 -7.93 -0.10
N LEU B 148 -2.03 -9.11 -0.58
CA LEU B 148 -3.05 -9.95 0.02
C LEU B 148 -2.37 -11.14 0.68
N TYR B 149 -2.57 -11.29 1.98
CA TYR B 149 -1.94 -12.37 2.75
C TYR B 149 -2.98 -13.41 3.14
N ALA B 150 -2.63 -14.68 2.95
CA ALA B 150 -3.43 -15.80 3.40
C ALA B 150 -2.67 -16.51 4.52
N VAL B 151 -3.31 -16.72 5.67
CA VAL B 151 -2.62 -17.08 6.90
C VAL B 151 -3.24 -18.34 7.50
N GLY B 152 -2.41 -19.36 7.73
CA GLY B 152 -2.90 -20.59 8.36
C GLY B 152 -3.96 -21.31 7.54
N GLY B 153 -4.87 -21.98 8.24
CA GLY B 153 -5.93 -22.77 7.66
C GLY B 153 -5.74 -24.26 7.86
N PHE B 154 -6.52 -25.05 7.11
CA PHE B 154 -6.53 -26.50 7.19
C PHE B 154 -6.46 -27.04 5.78
N ASP B 155 -5.52 -27.91 5.47
CA ASP B 155 -5.40 -28.32 4.08
C ASP B 155 -6.18 -29.60 3.78
N GLY B 156 -7.02 -30.02 4.72
CA GLY B 156 -7.76 -31.25 4.58
C GLY B 156 -7.13 -32.42 5.30
N THR B 157 -5.86 -32.28 5.72
CA THR B 157 -5.15 -33.33 6.44
C THR B 157 -4.40 -32.73 7.60
N ASN B 158 -3.66 -31.66 7.35
CA ASN B 158 -2.94 -30.96 8.40
C ASN B 158 -3.42 -29.53 8.52
N ARG B 159 -3.34 -29.00 9.75
CA ARG B 159 -3.51 -27.57 9.98
C ARG B 159 -2.18 -26.83 9.87
N LEU B 160 -2.27 -25.53 9.58
CA LEU B 160 -1.15 -24.83 8.98
C LEU B 160 -0.73 -23.61 9.79
N ASN B 161 0.57 -23.43 9.95
CA ASN B 161 1.09 -22.15 10.42
C ASN B 161 1.73 -21.36 9.30
N SER B 162 1.76 -21.93 8.09
CA SER B 162 2.34 -21.23 6.96
C SER B 162 1.50 -20.01 6.60
N ALA B 163 2.14 -19.04 5.94
CA ALA B 163 1.47 -17.89 5.35
C ALA B 163 2.10 -17.60 4.01
N GLU B 164 1.30 -17.08 3.07
CA GLU B 164 1.77 -16.73 1.75
C GLU B 164 1.21 -15.37 1.36
N CYS B 165 1.82 -14.77 0.33
CA CYS B 165 1.53 -13.40 -0.06
C CYS B 165 1.25 -13.35 -1.56
N TYR B 166 0.13 -12.75 -1.93
CA TYR B 166 -0.24 -12.60 -3.32
C TYR B 166 0.12 -11.20 -3.84
N TYR B 167 0.85 -11.15 -4.95
CA TYR B 167 1.15 -9.88 -5.61
C TYR B 167 0.21 -9.69 -6.78
N PRO B 168 -0.77 -8.80 -6.70
CA PRO B 168 -1.81 -8.77 -7.73
C PRO B 168 -1.30 -8.40 -9.12
N GLU B 169 -0.39 -7.43 -9.22
CA GLU B 169 0.06 -7.01 -10.54
C GLU B 169 0.99 -8.06 -11.14
N ARG B 170 1.68 -8.82 -10.31
CA ARG B 170 2.46 -9.93 -10.81
C ARG B 170 1.64 -11.20 -10.91
N ASN B 171 0.43 -11.20 -10.33
CA ASN B 171 -0.44 -12.37 -10.23
C ASN B 171 0.34 -13.63 -9.88
N GLU B 172 0.99 -13.63 -8.72
CA GLU B 172 1.61 -14.85 -8.23
C GLU B 172 1.65 -14.84 -6.71
N TRP B 173 1.83 -16.03 -6.13
CA TRP B 173 1.86 -16.23 -4.70
C TRP B 173 3.29 -16.55 -4.28
N ARG B 174 3.72 -16.02 -3.14
CA ARG B 174 5.05 -16.27 -2.59
C ARG B 174 4.92 -16.59 -1.11
N MET B 175 5.61 -17.64 -0.65
CA MET B 175 5.56 -17.98 0.78
C MET B 175 6.27 -16.91 1.58
N ILE B 176 5.73 -16.59 2.77
CA ILE B 176 6.43 -15.68 3.68
C ILE B 176 6.78 -16.46 4.94
N THR B 177 7.34 -15.75 5.93
CA THR B 177 7.62 -16.35 7.22
C THR B 177 6.34 -16.90 7.85
N ALA B 178 6.47 -18.08 8.42
CA ALA B 178 5.36 -18.77 9.04
C ALA B 178 5.09 -18.21 10.43
N MET B 179 3.85 -18.33 10.86
CA MET B 179 3.48 -17.95 12.21
C MET B 179 4.21 -18.83 13.23
N ASN B 180 4.28 -18.33 14.46
CA ASN B 180 4.75 -19.18 15.54
C ASN B 180 3.82 -20.37 15.79
N THR B 181 2.50 -20.18 15.58
CA THR B 181 1.52 -21.18 15.99
C THR B 181 0.64 -21.63 14.83
N ILE B 182 0.34 -22.92 14.79
CA ILE B 182 -0.60 -23.45 13.81
C ILE B 182 -2.01 -22.98 14.15
N ARG B 183 -2.73 -22.45 13.17
CA ARG B 183 -4.09 -21.94 13.39
C ARG B 183 -4.95 -22.18 12.17
N SER B 184 -6.06 -22.91 12.35
CA SER B 184 -7.19 -22.86 11.43
CA SER B 184 -7.19 -22.87 11.44
C SER B 184 -8.34 -22.13 12.13
N GLY B 185 -9.06 -21.31 11.37
CA GLY B 185 -10.18 -20.58 11.95
C GLY B 185 -9.81 -19.45 12.86
N ALA B 186 -8.61 -18.88 12.67
CA ALA B 186 -8.18 -17.71 13.41
C ALA B 186 -8.84 -16.46 12.86
N GLY B 187 -8.80 -15.40 13.65
CA GLY B 187 -9.19 -14.09 13.16
C GLY B 187 -7.94 -13.38 12.69
N VAL B 188 -7.97 -12.91 11.46
CA VAL B 188 -6.83 -12.25 10.84
C VAL B 188 -7.29 -10.92 10.32
N CYS B 189 -6.56 -9.86 10.66
CA CYS B 189 -6.90 -8.51 10.23
C CYS B 189 -5.63 -7.69 10.17
N VAL B 190 -5.74 -6.49 9.64
CA VAL B 190 -4.61 -5.56 9.59
C VAL B 190 -4.92 -4.39 10.50
N LEU B 191 -3.93 -3.99 11.29
CA LEU B 191 -4.05 -2.84 12.19
C LEU B 191 -2.70 -2.16 12.28
N HIS B 192 -2.67 -0.85 12.05
CA HIS B 192 -1.47 -0.03 12.19
C HIS B 192 -0.26 -0.68 11.52
N ASN B 193 -0.45 -1.05 10.25
CA ASN B 193 0.61 -1.59 9.39
C ASN B 193 1.17 -2.93 9.88
N CYS B 194 0.37 -3.73 10.59
CA CYS B 194 0.75 -5.11 10.90
C CYS B 194 -0.44 -6.03 10.72
N ILE B 195 -0.14 -7.27 10.32
CA ILE B 195 -1.14 -8.34 10.22
C ILE B 195 -1.29 -8.94 11.61
N TYR B 196 -2.51 -9.01 12.11
CA TYR B 196 -2.76 -9.71 13.37
C TYR B 196 -3.43 -11.04 13.10
N ALA B 197 -3.04 -12.06 13.85
CA ALA B 197 -3.67 -13.37 13.83
C ALA B 197 -4.04 -13.74 15.24
N ALA B 198 -5.34 -13.91 15.49
CA ALA B 198 -5.86 -14.10 16.85
C ALA B 198 -6.65 -15.38 16.91
N GLY B 199 -6.39 -16.17 17.94
CA GLY B 199 -7.17 -17.38 18.21
C GLY B 199 -7.02 -18.43 17.13
N GLY B 200 -8.09 -19.21 16.95
CA GLY B 200 -8.07 -20.30 16.01
C GLY B 200 -8.00 -21.65 16.70
N TYR B 201 -7.61 -22.67 15.92
CA TYR B 201 -7.59 -24.08 16.37
C TYR B 201 -6.36 -24.75 15.78
N ASP B 202 -5.57 -25.45 16.61
CA ASP B 202 -4.34 -26.07 16.14
C ASP B 202 -4.44 -27.59 16.01
N GLY B 203 -5.64 -28.15 16.07
CA GLY B 203 -5.85 -29.58 16.06
C GLY B 203 -6.02 -30.19 17.44
N GLN B 204 -5.61 -29.48 18.48
CA GLN B 204 -5.78 -29.96 19.83
C GLN B 204 -6.53 -28.98 20.70
N ASP B 205 -6.16 -27.70 20.66
CA ASP B 205 -6.77 -26.70 21.52
C ASP B 205 -7.31 -25.55 20.69
N GLN B 206 -8.44 -24.99 21.12
CA GLN B 206 -8.78 -23.66 20.68
C GLN B 206 -7.80 -22.71 21.35
N LEU B 207 -7.43 -21.65 20.64
CA LEU B 207 -6.31 -20.79 21.02
C LEU B 207 -6.78 -19.43 21.50
N ASN B 208 -6.05 -18.86 22.46
CA ASN B 208 -6.23 -17.47 22.83
C ASN B 208 -5.02 -16.62 22.45
N SER B 209 -3.99 -17.19 21.86
CA SER B 209 -2.81 -16.38 21.56
C SER B 209 -3.05 -15.53 20.33
N VAL B 210 -2.31 -14.43 20.27
CA VAL B 210 -2.42 -13.44 19.22
C VAL B 210 -1.00 -13.10 18.79
N GLU B 211 -0.73 -13.14 17.49
CA GLU B 211 0.58 -12.75 17.02
C GLU B 211 0.44 -11.82 15.83
N ARG B 212 1.47 -11.01 15.65
CA ARG B 212 1.46 -9.82 14.80
C ARG B 212 2.64 -9.88 13.85
N TYR B 213 2.37 -9.76 12.56
CA TYR B 213 3.40 -9.78 11.53
C TYR B 213 3.81 -8.37 11.14
N ASP B 214 5.10 -8.14 11.12
CA ASP B 214 5.63 -6.87 10.71
C ASP B 214 6.36 -7.09 9.42
N VAL B 215 5.93 -6.45 8.36
CA VAL B 215 6.56 -6.66 7.07
C VAL B 215 8.02 -6.26 6.97
N ALA B 216 8.42 -5.20 7.65
CA ALA B 216 9.78 -4.76 7.58
C ALA B 216 10.74 -5.79 8.10
N THR B 217 10.42 -6.40 9.22
CA THR B 217 11.30 -7.40 9.76
C THR B 217 10.89 -8.79 9.35
N ALA B 218 9.80 -8.89 8.60
CA ALA B 218 9.20 -10.16 8.17
C ALA B 218 9.17 -11.20 9.27
N THR B 219 8.60 -10.84 10.39
CA THR B 219 8.66 -11.65 11.58
C THR B 219 7.34 -11.62 12.33
N TRP B 220 6.95 -12.70 12.97
CA TRP B 220 5.74 -12.74 13.75
C TRP B 220 6.09 -12.67 15.21
N THR B 221 5.42 -11.79 15.91
CA THR B 221 5.62 -11.61 17.31
C THR B 221 4.33 -11.74 18.10
N PHE B 222 4.37 -12.45 19.20
CA PHE B 222 3.21 -12.60 20.02
C PHE B 222 2.89 -11.31 20.74
N VAL B 223 1.63 -11.00 20.87
CA VAL B 223 1.21 -9.88 21.69
C VAL B 223 0.31 -10.44 22.78
N ALA B 224 -0.39 -9.60 23.49
CA ALA B 224 -1.28 -10.07 24.53
C ALA B 224 -2.35 -11.00 24.00
N PRO B 225 -2.58 -12.09 24.69
CA PRO B 225 -3.58 -13.05 24.28
C PRO B 225 -4.95 -12.59 24.66
N MET B 226 -5.96 -13.16 24.02
CA MET B 226 -7.35 -12.83 24.33
C MET B 226 -7.74 -13.42 25.67
N LYS B 227 -8.82 -12.90 26.24
CA LYS B 227 -9.37 -13.53 27.46
C LYS B 227 -9.84 -14.95 27.17
N HIS B 228 -10.56 -15.14 26.07
CA HIS B 228 -11.25 -16.39 25.82
C HIS B 228 -10.64 -17.08 24.60
N ARG B 229 -10.26 -18.35 24.77
CA ARG B 229 -9.90 -19.19 23.63
C ARG B 229 -11.09 -19.32 22.69
N ARG B 230 -10.82 -19.21 21.39
CA ARG B 230 -11.93 -19.28 20.46
C ARG B 230 -11.41 -19.62 19.07
N SER B 231 -12.14 -20.48 18.38
CA SER B 231 -11.93 -20.78 16.99
C SER B 231 -13.14 -20.32 16.19
N ALA B 232 -12.93 -20.04 14.92
CA ALA B 232 -13.99 -19.55 14.03
C ALA B 232 -14.64 -18.29 14.58
N LEU B 233 -13.83 -17.41 15.14
CA LEU B 233 -14.28 -16.10 15.59
C LEU B 233 -14.45 -15.17 14.40
N GLY B 234 -15.21 -14.12 14.60
CA GLY B 234 -15.20 -13.02 13.67
C GLY B 234 -14.27 -11.91 14.18
N ILE B 235 -13.76 -11.08 13.27
CA ILE B 235 -12.76 -10.10 13.66
C ILE B 235 -12.88 -8.88 12.75
N THR B 236 -12.68 -7.71 13.33
CA THR B 236 -12.57 -6.52 12.49
C THR B 236 -11.82 -5.44 13.26
N VAL B 237 -11.58 -4.34 12.57
CA VAL B 237 -10.92 -3.18 13.16
C VAL B 237 -11.91 -2.03 13.12
N HIS B 238 -12.15 -1.42 14.29
CA HIS B 238 -12.98 -0.22 14.39
C HIS B 238 -12.22 0.83 15.19
N GLN B 239 -11.94 1.96 14.55
CA GLN B 239 -11.27 3.12 15.16
C GLN B 239 -10.00 2.73 15.93
N GLY B 240 -9.06 2.13 15.21
CA GLY B 240 -7.77 1.82 15.80
C GLY B 240 -7.71 0.67 16.78
N ARG B 241 -8.79 -0.11 16.91
CA ARG B 241 -8.81 -1.25 17.83
C ARG B 241 -9.40 -2.46 17.14
N ILE B 242 -8.95 -3.64 17.58
CA ILE B 242 -9.41 -4.91 17.04
C ILE B 242 -10.61 -5.40 17.85
N TYR B 243 -11.63 -5.88 17.16
CA TYR B 243 -12.77 -6.53 17.82
C TYR B 243 -12.86 -7.98 17.37
N VAL B 244 -13.00 -8.90 18.31
CA VAL B 244 -13.26 -10.30 17.98
C VAL B 244 -14.61 -10.68 18.52
N LEU B 245 -15.40 -11.37 17.70
CA LEU B 245 -16.80 -11.66 17.98
C LEU B 245 -17.01 -13.15 17.98
N GLY B 246 -17.52 -13.68 19.09
CA GLY B 246 -18.00 -15.04 19.13
C GLY B 246 -16.92 -16.07 18.84
N GLY B 247 -17.34 -17.17 18.26
CA GLY B 247 -16.46 -18.30 18.04
C GLY B 247 -16.82 -19.47 18.94
N TYR B 248 -15.95 -20.46 18.93
CA TYR B 248 -16.23 -21.76 19.54
C TYR B 248 -15.01 -22.15 20.35
N ASP B 249 -15.23 -22.54 21.61
CA ASP B 249 -14.13 -22.79 22.53
C ASP B 249 -14.05 -24.27 22.91
N GLY B 250 -14.54 -25.14 22.04
CA GLY B 250 -14.59 -26.57 22.30
C GLY B 250 -15.79 -27.03 23.08
N HIS B 251 -16.52 -26.12 23.71
CA HIS B 251 -17.70 -26.42 24.50
C HIS B 251 -18.92 -25.58 24.16
N THR B 252 -18.76 -24.29 23.91
CA THR B 252 -19.88 -23.41 23.66
C THR B 252 -19.57 -22.48 22.51
N PHE B 253 -20.63 -22.05 21.85
CA PHE B 253 -20.58 -20.95 20.90
C PHE B 253 -20.66 -19.66 21.69
N LEU B 254 -19.61 -18.86 21.64
CA LEU B 254 -19.50 -17.69 22.49
C LEU B 254 -20.34 -16.54 21.97
N ASP B 255 -20.83 -15.71 22.90
CA ASP B 255 -21.34 -14.40 22.53
C ASP B 255 -20.38 -13.29 22.95
N SER B 256 -19.28 -13.66 23.59
CA SER B 256 -18.26 -12.72 24.03
C SER B 256 -17.68 -11.93 22.87
N VAL B 257 -17.60 -10.60 23.05
CA VAL B 257 -16.86 -9.72 22.14
C VAL B 257 -15.73 -9.11 22.96
N GLU B 258 -14.49 -9.26 22.49
CA GLU B 258 -13.32 -8.67 23.12
C GLU B 258 -12.72 -7.62 22.20
N CYS B 259 -12.02 -6.68 22.81
CA CYS B 259 -11.48 -5.54 22.09
C CYS B 259 -10.02 -5.38 22.47
N TYR B 260 -9.15 -5.29 21.47
CA TYR B 260 -7.73 -5.12 21.69
C TYR B 260 -7.34 -3.65 21.52
N ASP B 261 -6.67 -3.09 22.52
CA ASP B 261 -6.12 -1.75 22.44
C ASP B 261 -4.64 -1.88 22.10
N PRO B 262 -4.20 -1.55 20.88
CA PRO B 262 -2.78 -1.69 20.56
C PRO B 262 -1.89 -0.78 21.37
N ASP B 263 -2.39 0.38 21.80
CA ASP B 263 -1.55 1.31 22.54
C ASP B 263 -1.19 0.78 23.91
N THR B 264 -2.08 0.00 24.53
CA THR B 264 -1.78 -0.59 25.83
C THR B 264 -1.49 -2.08 25.76
N ASP B 265 -1.62 -2.71 24.59
CA ASP B 265 -1.47 -4.16 24.44
C ASP B 265 -2.35 -4.90 25.45
N THR B 266 -3.63 -4.56 25.45
CA THR B 266 -4.58 -5.15 26.39
C THR B 266 -5.88 -5.53 25.68
N TRP B 267 -6.45 -6.67 26.09
CA TRP B 267 -7.78 -7.09 25.66
C TRP B 267 -8.77 -6.82 26.79
N SER B 268 -9.96 -6.34 26.43
CA SER B 268 -11.06 -6.26 27.39
C SER B 268 -12.34 -6.71 26.71
N GLU B 269 -13.27 -7.23 27.50
CA GLU B 269 -14.60 -7.60 27.01
C GLU B 269 -15.47 -6.36 26.99
N VAL B 270 -16.14 -6.11 25.87
CA VAL B 270 -16.85 -4.85 25.72
C VAL B 270 -18.36 -5.07 25.61
N THR B 271 -18.75 -6.24 25.12
CA THR B 271 -20.17 -6.51 24.97
C THR B 271 -20.38 -8.02 24.86
N ARG B 272 -21.63 -8.41 24.79
CA ARG B 272 -22.03 -9.76 24.41
C ARG B 272 -23.01 -9.63 23.23
N MET B 273 -22.79 -10.43 22.20
CA MET B 273 -23.75 -10.54 21.13
C MET B 273 -25.10 -11.02 21.67
N THR B 274 -26.16 -10.76 20.91
CA THR B 274 -27.48 -11.18 21.37
C THR B 274 -27.58 -12.69 21.55
N SER B 275 -26.73 -13.46 20.87
CA SER B 275 -26.69 -14.89 21.10
C SER B 275 -25.35 -15.42 20.58
N GLY B 276 -24.90 -16.52 21.18
CA GLY B 276 -23.60 -17.06 20.82
C GLY B 276 -23.61 -17.68 19.44
N ARG B 277 -22.53 -17.43 18.70
CA ARG B 277 -22.42 -18.05 17.38
C ARG B 277 -20.96 -18.09 16.98
N SER B 278 -20.65 -18.88 15.97
CA SER B 278 -19.32 -18.93 15.38
C SER B 278 -19.44 -18.81 13.87
N GLY B 279 -18.31 -18.67 13.20
CA GLY B 279 -18.30 -18.60 11.74
C GLY B 279 -19.08 -17.43 11.17
N VAL B 280 -18.97 -16.27 11.78
CA VAL B 280 -19.67 -15.08 11.28
C VAL B 280 -18.75 -14.35 10.31
N GLY B 281 -19.36 -13.55 9.43
CA GLY B 281 -18.64 -12.58 8.63
C GLY B 281 -18.87 -11.21 9.23
N VAL B 282 -17.77 -10.45 9.39
CA VAL B 282 -17.76 -9.17 10.10
C VAL B 282 -17.11 -8.11 9.23
N ALA B 283 -17.64 -6.88 9.32
CA ALA B 283 -17.06 -5.72 8.65
C ALA B 283 -17.65 -4.45 9.24
N VAL B 284 -17.06 -3.32 8.88
CA VAL B 284 -17.42 -2.00 9.41
C VAL B 284 -17.85 -1.10 8.26
N THR B 285 -18.95 -0.39 8.47
CA THR B 285 -19.43 0.60 7.52
C THR B 285 -20.41 1.51 8.23
N MET B 286 -20.84 2.53 7.52
CA MET B 286 -21.74 3.53 8.02
C MET B 286 -23.00 2.96 8.62
N GLU B 287 -23.51 3.62 9.63
CA GLU B 287 -24.73 3.13 10.22
C GLU B 287 -25.90 3.27 9.27
N PRO B 288 -26.87 2.34 9.38
CA PRO B 288 -28.07 2.36 8.53
C PRO B 288 -28.85 3.65 8.68
N SER B 289 -29.39 4.16 7.57
CA SER B 289 -30.16 5.39 7.59
C SER B 289 -31.37 5.29 8.52
N ARG B 290 -32.33 4.46 8.14
CA ARG B 290 -33.54 4.26 8.94
C ARG B 290 -34.23 2.96 8.56
C ACE C 1 28.81 23.34 -19.75
O ACE C 1 28.98 23.24 -18.53
CH3 ACE C 1 29.77 24.02 -20.69
N ALA C 2 28.37 22.18 -20.46
CA ALA C 2 27.14 21.86 -19.74
C ALA C 2 27.35 20.63 -18.88
N ASP C 3 26.74 20.64 -17.69
CA ASP C 3 26.80 19.48 -16.80
C ASP C 3 26.51 18.21 -17.55
N GLU C 4 27.42 17.22 -17.44
CA GLU C 4 27.24 15.97 -18.15
C GLU C 4 25.96 15.27 -17.75
N GLU C 5 25.48 15.51 -16.52
CA GLU C 5 24.34 14.76 -15.98
C GLU C 5 23.03 15.50 -16.12
N THR C 6 22.99 16.79 -15.80
CA THR C 6 21.77 17.59 -15.85
C THR C 6 21.71 18.50 -17.07
N GLY C 7 22.82 18.71 -17.76
CA GLY C 7 22.86 19.67 -18.83
C GLY C 7 22.93 21.14 -18.43
N GLU C 8 22.72 21.47 -17.14
CA GLU C 8 22.72 22.86 -16.72
C GLU C 8 24.10 23.49 -16.91
N ALA C 9 24.11 24.81 -17.13
CA ALA C 9 25.37 25.53 -17.29
C ALA C 9 26.09 25.67 -15.96
N ALA C 10 27.39 25.85 -16.03
CA ALA C 10 28.22 25.95 -14.82
C ALA C 10 27.87 27.19 -13.98
N NH2 C 11 28.12 27.11 -12.58
S SO4 D . 27.87 23.35 -10.80
O1 SO4 D . 27.92 21.97 -10.34
O2 SO4 D . 26.78 23.49 -11.77
O3 SO4 D . 29.15 23.69 -11.44
O4 SO4 D . 27.63 24.24 -9.67
#